data_3WDZ
#
_entry.id   3WDZ
#
_cell.length_a   75.149
_cell.length_b   75.149
_cell.length_c   113.008
_cell.angle_alpha   90.00
_cell.angle_beta   90.00
_cell.angle_gamma   120.00
#
_symmetry.space_group_name_H-M   'P 32 2 1'
#
loop_
_entity.id
_entity.type
_entity.pdbx_description
1 polymer 'Kelch-like ECH-associated protein 1'
2 polymer 'Peptide from Sequestosome-1'
3 water water
#
loop_
_entity_poly.entity_id
_entity_poly.type
_entity_poly.pdbx_seq_one_letter_code
_entity_poly.pdbx_strand_id
1 'polypeptide(L)'
;MGHHHHHHDYDIPTTENLYFQGAPKVGRLIYTAGGYFRQSLSYLEAYNPSNGSWLRLADLQVPRSGLAGCVVGGLLYAVG
GRNNSPDGNTDSSALDCYNPMTNQWSPCASMSVPRNRIGVGVIDGHIYAVGGSHGCIHHSSVERYEPERDEWHLVAPMLT
RRIGVGVAVLNRLLYAVGGFDGTNRLNSAECYYPERNEWRMITPMNTIRSGAGVCVLHNCIYAAGGYDGQDQLNSVERYD
VETETWTFVAPMRHHRSALGITVHQGKIYVLGGYDGHTFLDSVECYDPDSDTWSEVTRMTSGRSGVGVAVT
;
A
2 'polypeptide(L)' KEVDP(SEP)TGELQSLQ B
#
# COMPACT_ATOMS: atom_id res chain seq x y z
N GLY A 27 -9.96 -21.15 1.40
CA GLY A 27 -8.46 -20.92 1.48
C GLY A 27 -7.96 -19.86 0.50
N ARG A 28 -7.94 -18.61 0.95
CA ARG A 28 -7.64 -17.47 0.09
C ARG A 28 -6.11 -17.18 0.06
N LEU A 29 -5.64 -16.45 -0.96
CA LEU A 29 -4.20 -16.16 -1.06
C LEU A 29 -3.77 -14.70 -0.92
N ILE A 30 -2.52 -14.51 -0.50
CA ILE A 30 -1.91 -13.19 -0.47
C ILE A 30 -1.20 -12.89 -1.81
N TYR A 31 -1.75 -11.95 -2.56
CA TYR A 31 -1.16 -11.64 -3.85
C TYR A 31 -0.22 -10.48 -3.73
N THR A 32 0.90 -10.55 -4.46
CA THR A 32 1.89 -9.48 -4.49
C THR A 32 2.17 -9.09 -5.94
N ALA A 33 2.07 -7.80 -6.23
CA ALA A 33 2.16 -7.35 -7.61
C ALA A 33 3.17 -6.25 -7.75
N GLY A 34 4.02 -6.36 -8.78
CA GLY A 34 5.03 -5.32 -9.10
C GLY A 34 6.10 -5.16 -8.01
N GLY A 35 6.58 -3.92 -7.82
CA GLY A 35 7.64 -3.70 -6.86
C GLY A 35 8.89 -3.21 -7.54
N TYR A 36 9.98 -3.15 -6.78
CA TYR A 36 11.20 -2.59 -7.31
C TYR A 36 12.37 -3.34 -6.73
N PHE A 37 13.33 -3.68 -7.60
CA PHE A 37 14.57 -4.23 -7.14
C PHE A 37 15.74 -3.48 -7.77
N ARG A 38 16.12 -3.80 -9.00
CA ARG A 38 17.22 -3.00 -9.56
C ARG A 38 16.49 -1.95 -10.41
N GLN A 39 15.28 -2.29 -10.80
CA GLN A 39 14.35 -1.45 -11.55
C GLN A 39 12.95 -1.89 -11.12
N SER A 40 11.89 -1.27 -11.66
CA SER A 40 10.52 -1.67 -11.31
C SER A 40 10.25 -3.02 -11.94
N LEU A 41 9.60 -3.87 -11.14
CA LEU A 41 9.34 -5.27 -11.44
C LEU A 41 7.97 -5.48 -12.02
N SER A 42 7.74 -6.64 -12.63
CA SER A 42 6.42 -6.87 -13.15
C SER A 42 5.76 -8.18 -12.67
N TYR A 43 6.37 -8.80 -11.66
CA TYR A 43 5.91 -10.07 -11.10
C TYR A 43 4.53 -10.04 -10.48
N LEU A 44 3.90 -11.20 -10.46
CA LEU A 44 2.72 -11.39 -9.68
C LEU A 44 2.90 -12.75 -9.07
N GLU A 45 2.94 -12.81 -7.75
CA GLU A 45 3.21 -14.05 -7.05
C GLU A 45 2.18 -14.11 -5.93
N ALA A 46 1.94 -15.29 -5.36
CA ALA A 46 0.93 -15.43 -4.28
C ALA A 46 1.41 -16.43 -3.29
N TYR A 47 1.19 -16.12 -2.01
CA TYR A 47 1.64 -16.97 -0.93
C TYR A 47 0.42 -17.61 -0.33
N ASN A 48 0.51 -18.89 -0.04
CA ASN A 48 -0.57 -19.60 0.62
C ASN A 48 -0.13 -19.90 2.04
N PRO A 49 -0.59 -19.08 2.98
CA PRO A 49 -0.13 -19.16 4.35
C PRO A 49 -0.44 -20.47 5.08
N SER A 50 -1.39 -21.26 4.58
CA SER A 50 -1.73 -22.52 5.28
C SER A 50 -0.80 -23.70 4.94
N ASN A 51 0.03 -23.54 3.91
CA ASN A 51 0.98 -24.59 3.49
C ASN A 51 2.30 -24.05 3.01
N GLY A 52 2.49 -22.74 3.14
CA GLY A 52 3.77 -22.08 2.85
C GLY A 52 4.29 -21.97 1.43
N SER A 53 3.50 -22.45 0.46
CA SER A 53 3.88 -22.38 -0.95
C SER A 53 3.63 -21.02 -1.67
N TRP A 54 4.53 -20.69 -2.58
CA TRP A 54 4.44 -19.55 -3.46
C TRP A 54 4.06 -19.96 -4.84
N LEU A 55 3.18 -19.18 -5.48
CA LEU A 55 2.76 -19.42 -6.87
C LEU A 55 3.39 -18.41 -7.78
N ARG A 56 3.80 -18.84 -8.95
CA ARG A 56 4.31 -17.89 -9.90
C ARG A 56 3.18 -17.67 -10.92
N LEU A 57 2.54 -16.51 -10.81
CA LEU A 57 1.41 -16.19 -11.69
C LEU A 57 1.82 -15.29 -12.86
N ALA A 58 0.87 -14.88 -13.69
CA ALA A 58 1.14 -14.03 -14.86
C ALA A 58 1.78 -12.66 -14.56
N ASP A 59 2.82 -12.30 -15.29
CA ASP A 59 3.43 -10.98 -15.21
C ASP A 59 2.43 -9.87 -15.57
N LEU A 60 2.59 -8.72 -14.95
CA LEU A 60 1.85 -7.52 -15.27
C LEU A 60 2.20 -7.08 -16.69
N GLN A 61 1.32 -6.29 -17.30
CA GLN A 61 1.53 -5.83 -18.64
C GLN A 61 2.77 -4.93 -18.74
N VAL A 62 2.97 -4.11 -17.71
CA VAL A 62 3.93 -3.03 -17.67
C VAL A 62 4.49 -3.09 -16.26
N PRO A 63 5.83 -3.14 -16.11
CA PRO A 63 6.44 -3.17 -14.77
C PRO A 63 6.09 -1.92 -14.00
N ARG A 64 5.89 -2.04 -12.69
CA ARG A 64 5.50 -0.90 -11.86
C ARG A 64 5.82 -1.10 -10.36
N SER A 65 6.31 -0.04 -9.71
CA SER A 65 6.48 -0.09 -8.25
C SER A 65 5.73 1.11 -7.69
N GLY A 66 5.53 1.12 -6.38
CA GLY A 66 4.71 2.16 -5.73
C GLY A 66 3.27 2.15 -6.23
N LEU A 67 2.77 1.01 -6.66
CA LEU A 67 1.38 0.85 -7.03
C LEU A 67 0.66 0.39 -5.78
N ALA A 68 -0.65 0.23 -5.81
CA ALA A 68 -1.32 -0.43 -4.68
C ALA A 68 -2.21 -1.53 -5.23
N GLY A 69 -2.49 -2.55 -4.42
CA GLY A 69 -3.39 -3.63 -4.80
C GLY A 69 -4.65 -3.67 -3.95
N CYS A 70 -5.76 -4.11 -4.52
CA CYS A 70 -6.96 -4.35 -3.71
C CYS A 70 -7.79 -5.42 -4.42
N VAL A 71 -8.82 -5.95 -3.77
CA VAL A 71 -9.70 -6.95 -4.39
C VAL A 71 -11.17 -6.50 -4.38
N VAL A 72 -11.87 -6.66 -5.49
CA VAL A 72 -13.30 -6.39 -5.59
C VAL A 72 -13.95 -7.57 -6.27
N GLY A 73 -14.88 -8.22 -5.55
CA GLY A 73 -15.62 -9.39 -6.02
C GLY A 73 -14.74 -10.46 -6.64
N GLY A 74 -13.75 -10.95 -5.88
CA GLY A 74 -12.81 -11.97 -6.36
C GLY A 74 -11.78 -11.55 -7.41
N LEU A 75 -11.77 -10.29 -7.87
CA LEU A 75 -10.78 -9.84 -8.86
C LEU A 75 -9.70 -8.93 -8.26
N LEU A 76 -8.45 -9.19 -8.56
CA LEU A 76 -7.34 -8.36 -8.07
C LEU A 76 -7.06 -7.20 -9.02
N TYR A 77 -6.80 -6.02 -8.47
CA TYR A 77 -6.56 -4.84 -9.28
C TYR A 77 -5.29 -4.24 -8.86
N ALA A 78 -4.54 -3.71 -9.83
CA ALA A 78 -3.25 -2.98 -9.57
C ALA A 78 -3.40 -1.54 -10.07
N VAL A 79 -3.07 -0.60 -9.19
CA VAL A 79 -3.47 0.79 -9.43
C VAL A 79 -2.29 1.68 -9.24
N GLY A 80 -2.10 2.57 -10.21
CA GLY A 80 -1.00 3.53 -10.15
C GLY A 80 0.40 2.91 -10.07
N GLY A 81 1.33 3.72 -9.56
CA GLY A 81 2.74 3.37 -9.50
C GLY A 81 3.57 4.18 -10.48
N ARG A 82 4.78 3.69 -10.71
CA ARG A 82 5.76 4.26 -11.65
C ARG A 82 6.60 3.12 -12.20
N ASN A 83 7.01 3.27 -13.45
CA ASN A 83 7.99 2.35 -14.05
C ASN A 83 9.34 3.02 -14.07
N ASN A 84 10.07 2.82 -12.96
CA ASN A 84 11.42 3.29 -12.80
C ASN A 84 12.36 2.25 -13.41
N SER A 85 12.64 2.44 -14.69
CA SER A 85 13.49 1.52 -15.44
C SER A 85 14.93 2.09 -15.45
N PRO A 86 15.89 1.39 -16.11
CA PRO A 86 17.24 1.96 -16.13
C PRO A 86 17.37 3.15 -17.08
N ASP A 87 16.53 3.25 -18.11
CA ASP A 87 16.58 4.36 -19.06
C ASP A 87 15.42 5.35 -18.84
N GLY A 88 15.24 5.83 -17.60
CA GLY A 88 14.17 6.80 -17.23
C GLY A 88 12.82 6.21 -16.81
N ASN A 89 12.08 6.96 -15.99
CA ASN A 89 10.83 6.52 -15.36
C ASN A 89 9.48 7.20 -15.71
N THR A 90 8.43 6.41 -15.93
CA THR A 90 7.09 6.93 -16.31
C THR A 90 6.08 6.76 -15.19
N ASP A 91 5.29 7.78 -14.94
CA ASP A 91 4.24 7.67 -13.93
C ASP A 91 3.00 7.03 -14.50
N SER A 92 2.47 6.07 -13.74
CA SER A 92 1.32 5.28 -14.20
C SER A 92 0.02 5.78 -13.62
N SER A 93 -0.94 5.94 -14.52
CA SER A 93 -2.29 6.31 -14.16
C SER A 93 -3.16 5.10 -14.45
N ALA A 94 -2.53 3.94 -14.64
CA ALA A 94 -3.25 2.79 -15.17
C ALA A 94 -3.92 1.97 -14.10
N LEU A 95 -5.01 1.31 -14.48
CA LEU A 95 -5.69 0.36 -13.62
C LEU A 95 -5.84 -0.96 -14.38
N ASP A 96 -5.39 -2.04 -13.76
CA ASP A 96 -5.40 -3.35 -14.41
C ASP A 96 -5.94 -4.35 -13.45
N CYS A 97 -6.59 -5.34 -14.03
CA CYS A 97 -7.38 -6.27 -13.26
C CYS A 97 -6.98 -7.67 -13.65
N TYR A 98 -6.77 -8.49 -12.64
CA TYR A 98 -6.36 -9.84 -12.80
C TYR A 98 -7.39 -10.81 -12.27
N ASN A 99 -7.69 -11.79 -13.11
CA ASN A 99 -8.70 -12.80 -12.77
C ASN A 99 -7.99 -14.07 -12.36
N PRO A 100 -8.08 -14.44 -11.09
CA PRO A 100 -7.30 -15.61 -10.69
C PRO A 100 -7.77 -16.83 -11.45
N MET A 101 -8.87 -16.70 -12.17
CA MET A 101 -9.45 -17.83 -12.88
C MET A 101 -8.78 -18.03 -14.22
N THR A 102 -8.48 -16.94 -14.91
CA THR A 102 -7.91 -17.03 -16.23
C THR A 102 -6.39 -16.73 -16.19
N ASN A 103 -5.88 -16.44 -15.01
CA ASN A 103 -4.48 -16.07 -14.85
C ASN A 103 -4.12 -15.04 -15.91
N GLN A 104 -4.99 -14.03 -16.07
CA GLN A 104 -4.86 -12.96 -17.06
C GLN A 104 -5.11 -11.51 -16.53
N TRP A 105 -4.24 -10.56 -16.90
CA TRP A 105 -4.50 -9.15 -16.65
C TRP A 105 -5.34 -8.57 -17.77
N SER A 106 -6.03 -7.46 -17.53
CA SER A 106 -6.91 -6.80 -18.54
C SER A 106 -6.94 -5.35 -18.20
N PRO A 107 -6.74 -4.47 -19.21
CA PRO A 107 -6.78 -3.09 -18.78
C PRO A 107 -8.20 -2.61 -18.46
N CYS A 108 -8.27 -1.63 -17.55
CA CYS A 108 -9.46 -0.96 -17.16
C CYS A 108 -9.19 0.48 -17.51
N ALA A 109 -10.21 1.33 -17.49
CA ALA A 109 -10.04 2.77 -17.71
C ALA A 109 -8.91 3.31 -16.83
N SER A 110 -8.17 4.27 -17.34
CA SER A 110 -7.09 4.89 -16.57
C SER A 110 -7.62 6.03 -15.66
N MET A 111 -6.92 6.26 -14.57
CA MET A 111 -7.20 7.42 -13.76
C MET A 111 -7.06 8.76 -14.51
N SER A 112 -7.70 9.79 -13.97
CA SER A 112 -7.66 11.13 -14.52
C SER A 112 -6.23 11.64 -14.51
N VAL A 113 -5.41 11.08 -13.63
CA VAL A 113 -4.08 11.59 -13.42
C VAL A 113 -3.12 10.45 -13.04
N PRO A 114 -1.81 10.54 -13.44
CA PRO A 114 -0.78 9.56 -13.02
C PRO A 114 -0.60 9.60 -11.52
N ARG A 115 -0.47 8.44 -10.87
CA ARG A 115 -0.43 8.44 -9.41
C ARG A 115 0.54 7.46 -8.84
N ASN A 116 1.76 7.92 -8.61
CA ASN A 116 2.81 7.10 -8.00
C ASN A 116 2.83 7.20 -6.50
N ARG A 117 2.98 6.06 -5.85
CA ARG A 117 2.95 5.94 -4.39
C ARG A 117 1.59 6.28 -3.85
N ILE A 118 0.61 5.75 -4.58
CA ILE A 118 -0.81 5.88 -4.36
C ILE A 118 -1.24 5.02 -3.17
N GLY A 119 -2.39 5.36 -2.58
CA GLY A 119 -2.99 4.55 -1.53
C GLY A 119 -4.35 4.22 -2.07
N VAL A 120 -4.88 3.07 -1.63
CA VAL A 120 -6.14 2.51 -2.12
C VAL A 120 -6.95 1.74 -1.05
N GLY A 121 -8.27 2.00 -1.06
CA GLY A 121 -9.20 1.31 -0.14
C GLY A 121 -10.43 0.98 -0.95
N VAL A 122 -11.23 0.03 -0.46
CA VAL A 122 -12.44 -0.38 -1.15
C VAL A 122 -13.65 -0.23 -0.21
N ILE A 123 -14.75 0.30 -0.72
CA ILE A 123 -16.03 0.43 0.02
C ILE A 123 -17.16 0.18 -0.96
N ASP A 124 -18.08 -0.72 -0.62
CA ASP A 124 -19.22 -1.02 -1.51
C ASP A 124 -18.81 -1.49 -2.93
N GLY A 125 -17.65 -2.12 -3.06
CA GLY A 125 -17.14 -2.60 -4.33
C GLY A 125 -16.71 -1.47 -5.23
N HIS A 126 -16.30 -0.36 -4.63
CA HIS A 126 -15.82 0.80 -5.35
C HIS A 126 -14.44 1.08 -4.91
N ILE A 127 -13.56 1.41 -5.85
CA ILE A 127 -12.17 1.56 -5.52
C ILE A 127 -11.79 3.01 -5.37
N TYR A 128 -11.18 3.32 -4.24
CA TYR A 128 -10.69 4.67 -4.01
C TYR A 128 -9.18 4.75 -4.18
N ALA A 129 -8.83 5.59 -5.15
CA ALA A 129 -7.49 5.93 -5.55
C ALA A 129 -7.22 7.21 -4.83
N VAL A 130 -6.29 7.17 -3.88
CA VAL A 130 -6.02 8.30 -2.99
C VAL A 130 -4.60 8.78 -3.10
N GLY A 131 -4.43 10.03 -3.54
CA GLY A 131 -3.12 10.72 -3.56
C GLY A 131 -2.15 10.33 -4.65
N GLY A 132 -0.92 10.07 -4.25
CA GLY A 132 0.17 9.70 -5.20
C GLY A 132 0.86 10.91 -5.79
N SER A 133 1.90 10.69 -6.62
CA SER A 133 2.70 11.79 -7.25
C SER A 133 2.68 11.80 -8.78
N HIS A 134 3.00 12.94 -9.40
CA HIS A 134 3.17 13.02 -10.86
C HIS A 134 4.30 13.94 -11.19
N GLY A 135 5.50 13.40 -11.12
CA GLY A 135 6.68 14.22 -11.23
C GLY A 135 6.74 14.99 -9.93
N CYS A 136 6.72 16.32 -10.02
CA CYS A 136 6.78 17.17 -8.83
C CYS A 136 5.43 17.36 -8.09
N ILE A 137 4.34 17.10 -8.82
CA ILE A 137 2.99 17.26 -8.31
C ILE A 137 2.68 16.19 -7.22
N HIS A 138 2.38 16.67 -6.03
CA HIS A 138 1.89 15.83 -4.96
C HIS A 138 0.40 16.06 -4.89
N HIS A 139 -0.37 15.03 -5.27
CA HIS A 139 -1.82 15.11 -5.24
C HIS A 139 -2.45 15.13 -3.89
N SER A 140 -3.53 15.90 -3.77
CA SER A 140 -4.44 15.77 -2.62
C SER A 140 -5.72 15.15 -3.17
N SER A 141 -5.97 15.28 -4.49
CA SER A 141 -7.14 14.66 -5.16
C SER A 141 -7.35 13.17 -4.85
N VAL A 142 -8.62 12.75 -4.88
CA VAL A 142 -9.04 11.35 -4.66
C VAL A 142 -10.01 11.02 -5.77
N GLU A 143 -9.96 9.79 -6.32
CA GLU A 143 -11.00 9.38 -7.28
C GLU A 143 -11.47 7.95 -7.03
N ARG A 144 -12.69 7.66 -7.49
CA ARG A 144 -13.41 6.46 -7.21
C ARG A 144 -13.69 5.72 -8.48
N TYR A 145 -13.50 4.39 -8.46
CA TYR A 145 -13.66 3.54 -9.63
C TYR A 145 -14.85 2.60 -9.43
N GLU A 146 -15.82 2.65 -10.37
CA GLU A 146 -16.93 1.73 -10.35
C GLU A 146 -16.76 0.67 -11.42
N PRO A 147 -16.42 -0.55 -11.00
CA PRO A 147 -16.23 -1.68 -11.90
C PRO A 147 -17.42 -2.01 -12.83
N GLU A 148 -18.64 -2.05 -12.28
CA GLU A 148 -19.87 -2.35 -13.06
C GLU A 148 -19.98 -1.48 -14.32
N ARG A 149 -19.25 -0.36 -14.39
CA ARG A 149 -19.28 0.54 -15.55
C ARG A 149 -17.95 1.16 -15.96
N ASP A 150 -16.84 0.54 -15.55
CA ASP A 150 -15.47 0.91 -15.94
C ASP A 150 -15.24 2.43 -15.94
N GLU A 151 -15.49 3.07 -14.80
CA GLU A 151 -15.39 4.52 -14.71
C GLU A 151 -14.85 5.05 -13.42
N TRP A 152 -14.03 6.09 -13.57
CA TRP A 152 -13.40 6.88 -12.50
C TRP A 152 -14.10 8.22 -12.33
N HIS A 153 -14.36 8.61 -11.07
CA HIS A 153 -15.02 9.90 -10.78
C HIS A 153 -14.34 10.65 -9.67
N LEU A 154 -13.83 11.86 -9.94
CA LEU A 154 -13.26 12.70 -8.90
C LEU A 154 -14.24 12.94 -7.77
N VAL A 155 -13.75 12.73 -6.58
CA VAL A 155 -14.54 12.97 -5.42
C VAL A 155 -13.88 14.14 -4.67
N ALA A 156 -14.20 14.38 -3.42
CA ALA A 156 -13.59 15.53 -2.79
C ALA A 156 -12.10 15.27 -2.41
N PRO A 157 -11.21 16.24 -2.71
CA PRO A 157 -9.80 16.12 -2.35
C PRO A 157 -9.63 15.99 -0.85
N MET A 158 -8.51 15.39 -0.43
CA MET A 158 -8.12 15.24 0.97
C MET A 158 -7.70 16.59 1.53
N LEU A 159 -7.53 16.66 2.85
CA LEU A 159 -7.07 17.92 3.50
C LEU A 159 -5.58 18.21 3.25
N THR A 160 -4.75 17.17 3.10
CA THR A 160 -3.34 17.34 2.81
C THR A 160 -3.00 16.62 1.50
N ARG A 161 -2.04 17.17 0.76
CA ARG A 161 -1.40 16.49 -0.39
C ARG A 161 -0.65 15.27 0.23
N ARG A 162 -0.76 14.09 -0.36
CA ARG A 162 -0.11 12.89 0.24
C ARG A 162 0.42 11.90 -0.76
N ILE A 163 1.72 11.61 -0.66
CA ILE A 163 2.33 10.54 -1.44
C ILE A 163 2.89 9.52 -0.44
N GLY A 164 3.04 8.25 -0.84
CA GLY A 164 3.56 7.24 0.07
C GLY A 164 2.64 7.15 1.26
N VAL A 165 1.35 7.19 0.97
CA VAL A 165 0.28 7.19 1.97
C VAL A 165 -0.32 5.82 2.21
N GLY A 166 -0.42 5.40 3.46
CA GLY A 166 -1.17 4.21 3.82
C GLY A 166 -2.68 4.50 3.90
N VAL A 167 -3.49 3.53 3.49
CA VAL A 167 -4.94 3.67 3.40
C VAL A 167 -5.60 2.45 4.02
N ALA A 168 -6.70 2.70 4.72
CA ALA A 168 -7.38 1.71 5.47
C ALA A 168 -8.84 2.04 5.53
N VAL A 169 -9.65 1.00 5.40
CA VAL A 169 -11.07 1.16 5.37
C VAL A 169 -11.65 0.61 6.68
N LEU A 170 -12.38 1.46 7.39
CA LEU A 170 -13.04 1.00 8.65
C LEU A 170 -14.46 1.57 8.83
N ASN A 171 -15.39 0.73 9.25
CA ASN A 171 -16.81 1.11 9.42
C ASN A 171 -17.25 1.95 8.23
N ARG A 172 -16.96 1.48 7.02
CA ARG A 172 -17.44 2.14 5.82
C ARG A 172 -16.87 3.56 5.68
N LEU A 173 -15.82 3.86 6.44
CA LEU A 173 -15.04 5.09 6.20
C LEU A 173 -13.59 4.74 5.80
N LEU A 174 -12.98 5.66 5.05
CA LEU A 174 -11.62 5.56 4.55
C LEU A 174 -10.64 6.47 5.32
N TYR A 175 -9.60 5.87 5.88
CA TYR A 175 -8.57 6.61 6.62
C TYR A 175 -7.31 6.78 5.75
N ALA A 176 -6.84 8.02 5.59
CA ALA A 176 -5.57 8.26 4.90
C ALA A 176 -4.48 8.47 5.98
N VAL A 177 -3.41 7.69 5.97
CA VAL A 177 -2.47 7.83 7.07
C VAL A 177 -1.06 8.12 6.60
N GLY A 178 -0.40 9.07 7.24
CA GLY A 178 0.99 9.37 6.91
C GLY A 178 1.25 9.89 5.53
N GLY A 179 2.50 9.72 5.05
CA GLY A 179 2.87 10.14 3.68
C GLY A 179 3.90 11.25 3.60
N PHE A 180 3.82 12.06 2.55
CA PHE A 180 4.76 13.13 2.32
C PHE A 180 3.99 14.16 1.52
N ASP A 181 4.09 15.43 1.88
CA ASP A 181 3.27 16.49 1.26
C ASP A 181 3.93 17.29 0.16
N GLY A 182 5.19 17.00 -0.11
CA GLY A 182 5.93 17.75 -1.12
C GLY A 182 6.94 18.65 -0.45
N THR A 183 7.02 18.52 0.87
CA THR A 183 7.92 19.31 1.71
C THR A 183 8.13 18.48 2.95
N ASN A 184 7.09 18.09 3.66
CA ASN A 184 7.36 17.28 4.83
C ASN A 184 6.83 15.85 4.83
N ARG A 185 7.56 15.01 5.54
CA ARG A 185 7.14 13.67 5.77
C ARG A 185 6.17 13.81 6.91
N LEU A 186 5.00 13.24 6.71
CA LEU A 186 3.87 13.41 7.59
C LEU A 186 3.64 12.34 8.67
N ASN A 187 2.88 12.75 9.68
CA ASN A 187 2.47 11.87 10.78
C ASN A 187 0.95 12.09 10.98
N SER A 188 0.43 13.05 10.21
CA SER A 188 -0.98 13.37 10.26
C SER A 188 -1.84 12.26 9.59
N ALA A 189 -3.13 12.28 9.87
CA ALA A 189 -4.05 11.34 9.29
C ALA A 189 -5.45 11.95 9.12
N GLU A 190 -6.11 11.60 8.02
CA GLU A 190 -7.49 12.02 7.76
C GLU A 190 -8.46 10.87 7.53
N CYS A 191 -9.76 11.20 7.65
CA CYS A 191 -10.87 10.26 7.52
C CYS A 191 -11.86 10.79 6.51
N TYR A 192 -12.17 10.00 5.50
CA TYR A 192 -13.17 10.38 4.50
C TYR A 192 -14.54 9.76 4.82
N TYR A 193 -15.58 10.55 4.57
CA TYR A 193 -16.97 10.23 4.83
C TYR A 193 -17.64 10.23 3.46
N PRO A 194 -17.83 9.03 2.84
CA PRO A 194 -18.38 8.93 1.47
C PRO A 194 -19.82 9.35 1.33
N GLU A 195 -20.63 9.13 2.38
CA GLU A 195 -22.03 9.55 2.31
C GLU A 195 -22.16 11.07 2.32
N ARG A 196 -21.24 11.73 3.01
CA ARG A 196 -21.14 13.20 3.12
C ARG A 196 -20.14 13.85 2.12
N ASN A 197 -19.31 13.02 1.49
CA ASN A 197 -18.24 13.43 0.58
C ASN A 197 -17.34 14.50 1.17
N GLU A 198 -16.83 14.25 2.36
CA GLU A 198 -15.97 15.22 3.02
C GLU A 198 -14.88 14.51 3.84
N TRP A 199 -13.80 15.24 4.15
CA TRP A 199 -12.63 14.73 4.93
C TRP A 199 -12.46 15.40 6.26
N ARG A 200 -11.97 14.69 7.27
CA ARG A 200 -11.66 15.31 8.57
C ARG A 200 -10.34 14.80 9.11
N MET A 201 -9.52 15.71 9.63
CA MET A 201 -8.29 15.30 10.28
C MET A 201 -8.69 14.50 11.51
N ILE A 202 -7.80 13.60 11.97
CA ILE A 202 -7.93 12.86 13.25
C ILE A 202 -6.58 13.00 14.00
N THR A 203 -6.49 12.45 15.22
CA THR A 203 -5.25 12.47 16.00
C THR A 203 -4.06 12.07 15.10
N PRO A 204 -2.94 12.83 15.15
CA PRO A 204 -1.74 12.41 14.42
C PRO A 204 -1.11 11.19 15.05
N MET A 205 -0.29 10.49 14.28
CA MET A 205 0.49 9.37 14.82
C MET A 205 1.59 9.86 15.76
N ASN A 206 2.00 8.99 16.68
CA ASN A 206 3.15 9.21 17.54
C ASN A 206 4.39 9.56 16.69
N THR A 207 4.66 8.66 15.74
CA THR A 207 5.78 8.68 14.85
C THR A 207 5.42 9.21 13.46
N ILE A 208 6.31 9.98 12.84
CA ILE A 208 6.14 10.45 11.46
C ILE A 208 6.41 9.26 10.52
N ARG A 209 5.59 9.08 9.48
CA ARG A 209 5.79 7.90 8.60
C ARG A 209 5.50 8.06 7.10
N SER A 210 6.54 7.94 6.32
CA SER A 210 6.46 7.87 4.87
C SER A 210 6.69 6.38 4.44
N GLY A 211 5.86 5.87 3.52
CA GLY A 211 6.00 4.49 3.05
C GLY A 211 5.76 3.44 4.13
N ALA A 212 4.85 3.74 5.04
CA ALA A 212 4.36 2.75 6.01
C ALA A 212 3.38 1.80 5.33
N GLY A 213 3.08 0.67 5.99
CA GLY A 213 2.01 -0.18 5.52
C GLY A 213 0.84 0.12 6.45
N VAL A 214 -0.36 0.27 5.89
CA VAL A 214 -1.55 0.56 6.68
C VAL A 214 -2.66 -0.42 6.37
N CYS A 215 -3.21 -1.03 7.41
CA CYS A 215 -4.29 -2.00 7.26
C CYS A 215 -5.30 -1.92 8.45
N VAL A 216 -6.24 -2.85 8.50
CA VAL A 216 -7.26 -2.89 9.54
C VAL A 216 -7.35 -4.29 10.11
N LEU A 217 -7.06 -4.42 11.39
CA LEU A 217 -7.18 -5.69 12.05
C LEU A 217 -8.05 -5.43 13.26
N HIS A 218 -9.00 -6.35 13.49
CA HIS A 218 -10.04 -6.21 14.52
C HIS A 218 -10.71 -4.88 14.40
N ASN A 219 -10.67 -4.01 15.39
CA ASN A 219 -11.34 -2.74 15.09
C ASN A 219 -10.38 -1.57 15.04
N CYS A 220 -9.11 -1.81 14.69
CA CYS A 220 -8.11 -0.74 14.71
C CYS A 220 -7.30 -0.61 13.44
N ILE A 221 -6.89 0.63 13.15
CA ILE A 221 -6.00 0.94 12.02
C ILE A 221 -4.55 0.72 12.48
N TYR A 222 -3.79 -0.09 11.76
CA TYR A 222 -2.37 -0.26 12.05
C TYR A 222 -1.50 0.49 11.07
N ALA A 223 -0.36 0.95 11.56
CA ALA A 223 0.65 1.53 10.70
C ALA A 223 2.01 1.01 11.13
N ALA A 224 2.67 0.32 10.23
CA ALA A 224 3.90 -0.37 10.51
C ALA A 224 5.00 0.15 9.60
N GLY A 225 6.19 0.37 10.18
CA GLY A 225 7.39 0.81 9.46
C GLY A 225 7.19 2.13 8.80
N GLY A 226 7.90 2.31 7.68
CA GLY A 226 7.94 3.56 6.95
C GLY A 226 9.30 4.14 7.26
N TYR A 227 9.50 5.39 6.82
CA TYR A 227 10.72 6.14 7.02
C TYR A 227 10.28 7.45 7.70
N ASP A 228 10.91 7.80 8.83
CA ASP A 228 10.57 9.03 9.59
C ASP A 228 11.37 10.31 9.25
N GLY A 229 12.11 10.33 8.15
CA GLY A 229 12.95 11.48 7.78
C GLY A 229 14.43 11.25 8.16
N GLN A 230 14.66 10.29 9.06
CA GLN A 230 16.02 9.94 9.51
C GLN A 230 16.31 8.42 9.36
N ASP A 231 15.53 7.58 10.03
CA ASP A 231 15.70 6.11 10.02
C ASP A 231 14.46 5.33 9.50
N GLN A 232 14.69 4.17 8.88
CA GLN A 232 13.62 3.28 8.45
C GLN A 232 13.16 2.51 9.67
N LEU A 233 11.85 2.51 9.91
CA LEU A 233 11.29 2.05 11.18
C LEU A 233 10.91 0.61 11.31
N ASN A 234 10.89 0.11 12.53
CA ASN A 234 10.37 -1.26 12.77
C ASN A 234 9.16 -1.23 13.70
N SER A 235 8.82 -0.04 14.18
CA SER A 235 7.69 0.17 15.14
C SER A 235 6.30 0.07 14.49
N VAL A 236 5.37 -0.38 15.30
CA VAL A 236 4.01 -0.53 14.89
C VAL A 236 3.02 0.06 15.89
N GLU A 237 2.31 1.09 15.43
CA GLU A 237 1.22 1.71 16.21
C GLU A 237 -0.19 1.47 15.63
N ARG A 238 -1.18 1.44 16.51
CA ARG A 238 -2.56 1.28 16.09
C ARG A 238 -3.47 2.35 16.68
N TYR A 239 -4.41 2.79 15.86
CA TYR A 239 -5.42 3.78 16.21
C TYR A 239 -6.68 3.07 16.64
N ASP A 240 -7.34 3.67 17.63
CA ASP A 240 -8.62 3.18 18.11
C ASP A 240 -9.59 4.32 17.82
N VAL A 241 -10.70 4.00 17.15
CA VAL A 241 -11.60 5.07 16.69
C VAL A 241 -12.31 5.78 17.83
N GLU A 242 -12.70 5.02 18.85
CA GLU A 242 -13.37 5.56 20.05
C GLU A 242 -12.47 6.30 21.08
N THR A 243 -11.27 5.78 21.33
CA THR A 243 -10.28 6.44 22.21
C THR A 243 -9.57 7.60 21.47
N GLU A 244 -9.62 7.58 20.15
CA GLU A 244 -8.85 8.55 19.37
C GLU A 244 -7.37 8.55 19.75
N THR A 245 -6.89 7.48 20.38
CA THR A 245 -5.46 7.43 20.64
C THR A 245 -4.71 6.23 19.97
N TRP A 246 -3.51 6.57 19.51
CA TRP A 246 -2.53 5.66 18.95
C TRP A 246 -1.67 4.98 19.97
N THR A 247 -1.63 3.65 19.94
CA THR A 247 -0.80 2.90 20.88
C THR A 247 0.23 2.03 20.13
N PHE A 248 1.52 2.17 20.44
CA PHE A 248 2.51 1.26 19.88
C PHE A 248 2.20 -0.14 20.39
N VAL A 249 2.44 -1.11 19.52
CA VAL A 249 2.40 -2.51 19.90
C VAL A 249 3.80 -3.07 19.57
N ALA A 250 3.97 -4.39 19.72
CA ALA A 250 5.26 -5.04 19.45
C ALA A 250 5.84 -4.55 18.11
N PRO A 251 7.12 -4.10 18.10
CA PRO A 251 7.73 -3.71 16.82
C PRO A 251 8.12 -4.94 16.01
N MET A 252 8.26 -4.78 14.71
CA MET A 252 8.71 -5.86 13.85
C MET A 252 10.16 -6.23 14.14
N ARG A 253 10.59 -7.38 13.62
CA ARG A 253 11.93 -7.82 13.77
C ARG A 253 12.80 -6.98 12.83
N HIS A 254 12.37 -6.79 11.58
CA HIS A 254 13.17 -6.04 10.59
C HIS A 254 12.61 -4.72 10.17
N HIS A 255 13.39 -3.69 10.44
CA HIS A 255 13.10 -2.32 10.01
C HIS A 255 12.80 -2.39 8.52
N ARG A 256 11.76 -1.70 8.06
CA ARG A 256 11.44 -1.68 6.62
C ARG A 256 10.54 -0.54 6.24
N SER A 257 10.74 -0.02 5.03
CA SER A 257 9.91 1.04 4.49
C SER A 257 9.52 0.70 3.03
N ALA A 258 8.38 1.20 2.55
CA ALA A 258 7.79 0.78 1.25
C ALA A 258 7.53 -0.70 1.18
N LEU A 259 7.03 -1.20 2.29
CA LEU A 259 6.61 -2.59 2.44
C LEU A 259 5.18 -2.78 1.97
N GLY A 260 4.78 -4.04 1.80
CA GLY A 260 3.41 -4.39 1.49
C GLY A 260 2.73 -5.00 2.70
N ILE A 261 1.44 -4.71 2.82
CA ILE A 261 0.73 -5.14 3.98
C ILE A 261 -0.64 -5.64 3.62
N THR A 262 -1.16 -6.48 4.51
CA THR A 262 -2.48 -7.05 4.37
C THR A 262 -2.80 -7.88 5.62
N VAL A 263 -4.08 -8.29 5.71
CA VAL A 263 -4.57 -9.14 6.79
C VAL A 263 -5.08 -10.42 6.17
N HIS A 264 -4.70 -11.54 6.75
CA HIS A 264 -5.23 -12.82 6.30
C HIS A 264 -5.56 -13.59 7.54
N GLN A 265 -6.87 -13.76 7.76
CA GLN A 265 -7.41 -14.52 8.91
C GLN A 265 -6.84 -14.05 10.24
N GLY A 266 -7.21 -12.85 10.62
CA GLY A 266 -6.84 -12.28 11.91
C GLY A 266 -5.37 -12.00 12.13
N LYS A 267 -4.57 -12.05 11.05
CA LYS A 267 -3.15 -11.69 11.15
C LYS A 267 -2.66 -10.67 10.13
N ILE A 268 -1.72 -9.87 10.58
CA ILE A 268 -1.09 -8.91 9.66
C ILE A 268 0.14 -9.53 9.04
N TYR A 269 0.21 -9.36 7.72
CA TYR A 269 1.37 -9.83 6.96
C TYR A 269 2.01 -8.61 6.31
N VAL A 270 3.34 -8.50 6.50
CA VAL A 270 4.18 -7.47 5.89
C VAL A 270 5.18 -8.11 4.90
N LEU A 271 5.23 -7.58 3.69
CA LEU A 271 6.07 -8.14 2.65
C LEU A 271 7.20 -7.17 2.23
N GLY A 272 8.44 -7.62 2.39
CA GLY A 272 9.62 -6.90 1.90
C GLY A 272 9.71 -5.48 2.35
N GLY A 273 10.09 -4.60 1.42
CA GLY A 273 10.44 -3.22 1.69
C GLY A 273 11.95 -2.95 1.55
N TYR A 274 12.37 -1.71 1.83
CA TYR A 274 13.75 -1.26 1.84
C TYR A 274 14.08 -0.90 3.31
N ASP A 275 15.30 -1.23 3.80
CA ASP A 275 15.61 -0.92 5.20
C ASP A 275 16.80 0.04 5.46
N GLY A 276 17.14 0.81 4.44
CA GLY A 276 18.29 1.71 4.44
C GLY A 276 19.54 1.04 3.90
N HIS A 277 19.45 -0.25 3.63
CA HIS A 277 20.59 -0.99 3.17
C HIS A 277 20.26 -1.89 2.02
N THR A 278 19.41 -2.89 2.21
CA THR A 278 19.08 -3.81 1.14
C THR A 278 17.57 -3.94 0.96
N PHE A 279 17.19 -4.68 -0.08
CA PHE A 279 15.79 -4.98 -0.34
C PHE A 279 15.42 -6.29 0.33
N LEU A 280 14.43 -6.26 1.23
CA LEU A 280 14.06 -7.43 1.99
C LEU A 280 13.20 -8.35 1.19
N ASP A 281 13.34 -9.64 1.43
CA ASP A 281 12.49 -10.64 0.80
C ASP A 281 11.67 -11.24 1.94
N SER A 282 11.97 -10.78 3.15
CA SER A 282 11.37 -11.26 4.39
C SER A 282 9.84 -10.94 4.55
N VAL A 283 9.04 -11.91 5.00
CA VAL A 283 7.61 -11.71 5.26
C VAL A 283 7.37 -12.00 6.72
N GLU A 284 6.97 -10.98 7.47
CA GLU A 284 6.63 -11.17 8.87
C GLU A 284 5.13 -11.18 9.07
N CYS A 285 4.75 -11.96 10.07
CA CYS A 285 3.37 -12.11 10.46
C CYS A 285 3.15 -11.65 11.90
N TYR A 286 2.07 -10.91 12.09
CA TYR A 286 1.69 -10.37 13.40
C TYR A 286 0.48 -11.05 14.01
N ASP A 287 0.66 -11.63 15.19
CA ASP A 287 -0.42 -12.28 15.91
C ASP A 287 -0.92 -11.35 16.99
N PRO A 288 -2.15 -10.80 16.83
CA PRO A 288 -2.72 -9.79 17.74
C PRO A 288 -3.07 -10.32 19.16
N ASP A 289 -3.55 -11.56 19.26
CA ASP A 289 -3.82 -12.18 20.55
C ASP A 289 -2.57 -12.00 21.40
N SER A 290 -1.45 -12.57 20.94
CA SER A 290 -0.20 -12.60 21.71
C SER A 290 0.80 -11.48 21.45
N ASP A 291 0.39 -10.43 20.74
CA ASP A 291 1.27 -9.26 20.49
C ASP A 291 2.72 -9.61 20.06
N THR A 292 2.89 -10.72 19.32
CA THR A 292 4.20 -11.05 18.78
C THR A 292 4.28 -11.03 17.24
N TRP A 293 5.49 -10.82 16.74
CA TRP A 293 5.80 -10.99 15.33
C TRP A 293 6.72 -12.15 15.12
N SER A 294 6.59 -12.78 13.96
CA SER A 294 7.50 -13.85 13.54
C SER A 294 7.72 -13.78 12.01
N GLU A 295 8.77 -14.44 11.53
CA GLU A 295 9.10 -14.58 10.07
C GLU A 295 8.39 -15.80 9.57
N VAL A 296 7.55 -15.71 8.54
CA VAL A 296 6.84 -16.92 8.13
C VAL A 296 7.31 -17.48 6.84
N THR A 297 7.99 -16.65 6.04
CA THR A 297 8.54 -17.03 4.73
C THR A 297 9.43 -15.94 4.11
N ARG A 298 10.01 -16.22 2.95
CA ARG A 298 10.71 -15.20 2.18
C ARG A 298 10.07 -15.19 0.81
N MET A 299 9.97 -14.02 0.22
CA MET A 299 9.57 -13.90 -1.17
C MET A 299 10.72 -14.52 -1.97
N THR A 300 10.45 -14.84 -3.23
CA THR A 300 11.42 -15.47 -4.08
C THR A 300 12.57 -14.53 -4.38
N SER A 301 12.36 -13.24 -4.13
CA SER A 301 13.41 -12.22 -4.30
C SER A 301 13.02 -10.97 -3.56
N GLY A 302 13.97 -10.30 -2.92
CA GLY A 302 13.70 -9.08 -2.16
C GLY A 302 13.22 -7.93 -3.04
N ARG A 303 12.26 -7.15 -2.57
CA ARG A 303 11.72 -6.01 -3.33
C ARG A 303 10.94 -5.07 -2.39
N SER A 304 10.65 -3.86 -2.89
CA SER A 304 9.89 -2.86 -2.16
C SER A 304 8.81 -2.27 -3.08
N GLY A 305 7.82 -1.56 -2.49
CA GLY A 305 6.85 -0.83 -3.31
C GLY A 305 5.92 -1.72 -4.09
N VAL A 306 5.53 -2.85 -3.49
CA VAL A 306 4.56 -3.80 -4.09
C VAL A 306 3.09 -3.48 -3.75
N GLY A 307 2.17 -3.92 -4.60
CA GLY A 307 0.74 -3.79 -4.30
C GLY A 307 0.32 -5.16 -3.78
N VAL A 308 -0.27 -5.21 -2.60
CA VAL A 308 -0.70 -6.46 -1.92
C VAL A 308 -2.22 -6.52 -1.61
N ALA A 309 -2.88 -7.64 -1.93
CA ALA A 309 -4.30 -7.85 -1.57
C ALA A 309 -4.58 -9.36 -1.38
N VAL A 310 -5.76 -9.71 -0.85
CA VAL A 310 -6.15 -11.13 -0.57
C VAL A 310 -7.43 -11.65 -1.26
N THR A 311 -7.47 -12.87 -1.82
CA THR A 311 -8.75 -13.35 -2.43
C THR A 311 -8.87 -14.86 -2.59
N LYS B 1 25.45 5.21 -5.70
CA LYS B 1 24.33 5.94 -6.38
C LYS B 1 23.36 6.56 -5.37
N GLU B 2 22.56 7.51 -5.84
CA GLU B 2 21.58 8.20 -4.98
C GLU B 2 20.25 7.47 -5.02
N VAL B 3 19.72 7.28 -3.82
CA VAL B 3 18.61 6.41 -3.58
C VAL B 3 17.60 7.08 -2.66
N ASP B 4 16.32 7.08 -3.03
CA ASP B 4 15.28 7.68 -2.19
C ASP B 4 15.19 6.83 -0.93
N PRO B 5 15.49 7.43 0.25
CA PRO B 5 15.67 6.62 1.47
C PRO B 5 14.43 5.86 1.93
N SEP B 6 13.25 6.32 1.50
CA SEP B 6 11.98 5.67 1.91
CB SEP B 6 10.84 6.66 2.05
OG SEP B 6 10.60 7.15 0.75
C SEP B 6 11.52 4.51 1.05
O SEP B 6 10.64 3.75 1.47
P SEP B 6 10.72 8.72 0.42
O1P SEP B 6 9.98 9.30 1.62
O2P SEP B 6 12.20 8.98 0.38
O3P SEP B 6 10.12 8.96 -0.95
N THR B 7 12.08 4.35 -0.14
CA THR B 7 11.72 3.23 -1.05
C THR B 7 12.90 2.42 -1.60
N GLY B 8 14.11 2.97 -1.44
CA GLY B 8 15.30 2.40 -2.03
C GLY B 8 15.49 2.78 -3.49
N GLU B 9 14.48 3.33 -4.18
CA GLU B 9 14.61 3.60 -5.64
C GLU B 9 15.68 4.64 -6.04
N LEU B 10 16.22 4.49 -7.26
CA LEU B 10 17.26 5.37 -7.81
C LEU B 10 16.82 6.77 -8.24
N GLN B 11 17.77 7.70 -8.14
CA GLN B 11 17.69 9.11 -8.58
C GLN B 11 16.87 9.96 -7.63
#